data_8VVJ
#
_entry.id   8VVJ
#
_cell.length_a   118.247
_cell.length_b   118.247
_cell.length_c   202.054
_cell.angle_alpha   90.00
_cell.angle_beta   90.00
_cell.angle_gamma   120.00
#
_symmetry.space_group_name_H-M   'P 6 2 2'
#
loop_
_entity.id
_entity.type
_entity.pdbx_description
1 polymer 'RNA (64-MER)'
2 non-polymer 'MAGNESIUM ION'
3 non-polymer (1M)-5-amino-1-(1,8-naphthyridin-3-yl)-1H-imidazole-4-carboxamide
4 water water
#
_entity_poly.entity_id   1
_entity_poly.type   'polyribonucleotide'
_entity_poly.pdbx_seq_one_letter_code
;GGGUCGUGACUGGCGAACAGGUGGGAAACCACCGGGGAGCGACCCUUGCCGCCCGCCUGGGCAA
;
_entity_poly.pdbx_strand_id   A
#